data_5YJO
#
_entry.id   5YJO
#
_cell.length_a   61.428
_cell.length_b   66.181
_cell.length_c   107.648
_cell.angle_alpha   90.000
_cell.angle_beta   90.000
_cell.angle_gamma   90.000
#
_symmetry.space_group_name_H-M   'P 21 21 21'
#
loop_
_entity.id
_entity.type
_entity.pdbx_description
1 polymer 'Histone-lysine N-methyltransferase SMYD3'
2 non-polymer 'ZINC ION'
3 non-polymer 'propyl (3~{S})-4-[[(6~{R})-6-(aminomethyl)-5,6,7,8-tetrahydroacridin-3-yl]carbonyl]-3-methyl-piperazine-1-carboxylate'
4 non-polymer S-ADENOSYLMETHIONINE
5 water water
#
_entity_poly.entity_id   1
_entity_poly.type   'polypeptide(L)'
_entity_poly.pdbx_seq_one_letter_code
;PLKVEKFATANRGNGLRAVTPLRPGELLFRSDPLAYTVCKGSRGVVCDRCLLGKEKLMRCSQCRVAKYCSAKCQKKAWPD
HKRECKCLKSCKPRYPPDSVRLLGRVVFKLMDGAPSESEKLYSFYDLESNINKLTEDRKEGLRQLVMTFQHFMREEIQDA
SQLPPAFDLFEAFAKVICNSFTICNAEMQEVGVGLYPSISLLNHSCDPNCSIVFNGPHLLLRAVRDIEVGEELTICYLDM
LMTSEERRKQLRDQYCFECDCFRCQTQDKDADMLTGDEQVWKEVQESLKKIEELKAHWKWEQVLAMCQAIISSNSERLPD
INIYQLKVLDCAMDACINLGLLEEALFYGTRTMEPYRIFFPGSHPVRGVQVMKVGKLQLHQGMFPQAMKNLRLAFDIMRV
THGREHSLIEDLILLLEECDANI
;
_entity_poly.pdbx_strand_id   A
#
# COMPACT_ATOMS: atom_id res chain seq x y z
N PRO A 1 5.99 27.36 2.33
CA PRO A 1 6.69 26.99 3.57
C PRO A 1 6.28 25.62 4.08
N LEU A 2 7.28 24.76 4.30
CA LEU A 2 6.99 23.39 4.72
C LEU A 2 6.60 23.35 6.20
N LYS A 3 5.65 22.47 6.51
CA LYS A 3 5.26 22.21 7.89
C LYS A 3 6.08 21.09 8.52
N VAL A 4 7.00 20.50 7.77
CA VAL A 4 7.83 19.39 8.24
C VAL A 4 9.29 19.70 7.91
N GLU A 5 10.19 18.94 8.52
CA GLU A 5 11.61 19.13 8.29
C GLU A 5 12.36 17.85 8.64
N LYS A 6 13.46 17.62 7.93
CA LYS A 6 14.33 16.50 8.24
C LYS A 6 15.19 16.81 9.46
N PHE A 7 15.41 15.79 10.28
CA PHE A 7 16.32 15.93 11.42
C PHE A 7 16.93 14.57 11.73
N ALA A 8 18.05 14.61 12.46
CA ALA A 8 18.74 13.40 12.88
C ALA A 8 18.19 12.97 14.24
N THR A 9 17.61 11.78 14.30
CA THR A 9 17.05 11.29 15.54
C THR A 9 18.15 10.70 16.42
N ALA A 10 17.77 10.34 17.65
CA ALA A 10 18.73 9.84 18.61
C ALA A 10 19.12 8.40 18.32
N ASN A 11 18.16 7.56 17.89
CA ASN A 11 18.49 6.16 17.63
C ASN A 11 17.72 5.55 16.46
N ARG A 12 17.12 6.36 15.58
CA ARG A 12 16.38 5.87 14.43
C ARG A 12 16.90 6.41 13.11
N GLY A 13 18.15 6.86 13.08
CA GLY A 13 18.66 7.51 11.88
C GLY A 13 17.99 8.85 11.67
N ASN A 14 17.71 9.17 10.41
CA ASN A 14 17.02 10.42 10.10
C ASN A 14 15.51 10.25 10.25
N GLY A 15 14.83 11.39 10.39
CA GLY A 15 13.39 11.36 10.54
C GLY A 15 12.77 12.67 10.14
N LEU A 16 11.45 12.75 10.30
CA LEU A 16 10.67 13.96 10.05
C LEU A 16 10.07 14.45 11.36
N ARG A 17 10.00 15.77 11.52
CA ARG A 17 9.40 16.37 12.70
C ARG A 17 8.65 17.63 12.30
N ALA A 18 7.69 18.02 13.14
CA ALA A 18 6.84 19.16 12.85
C ALA A 18 7.59 20.46 13.15
N VAL A 19 7.48 21.42 12.23
CA VAL A 19 8.00 22.77 12.48
C VAL A 19 6.92 23.70 13.02
N THR A 20 5.65 23.33 12.90
CA THR A 20 4.52 24.08 13.40
C THR A 20 3.55 23.11 14.04
N PRO A 21 2.66 23.58 14.91
CA PRO A 21 1.63 22.71 15.45
C PRO A 21 0.75 22.14 14.34
N LEU A 22 0.44 20.86 14.45
CA LEU A 22 -0.34 20.15 13.44
C LEU A 22 -1.62 19.60 14.06
N ARG A 23 -2.70 19.64 13.30
CA ARG A 23 -4.02 19.16 13.71
C ARG A 23 -4.42 17.97 12.85
N PRO A 24 -5.32 17.12 13.35
CA PRO A 24 -5.77 15.96 12.56
C PRO A 24 -6.37 16.41 11.24
N GLY A 25 -5.94 15.76 10.16
CA GLY A 25 -6.41 16.06 8.82
C GLY A 25 -5.53 17.01 8.03
N GLU A 26 -4.59 17.68 8.70
CA GLU A 26 -3.76 18.67 8.03
C GLU A 26 -2.84 18.01 7.01
N LEU A 27 -2.82 18.55 5.80
CA LEU A 27 -1.92 18.04 4.76
C LEU A 27 -0.50 18.47 5.06
N LEU A 28 0.41 17.51 5.13
CA LEU A 28 1.80 17.78 5.47
C LEU A 28 2.73 17.78 4.27
N PHE A 29 2.49 16.90 3.30
CA PHE A 29 3.38 16.78 2.15
C PHE A 29 2.65 16.06 1.03
N ARG A 30 2.92 16.47 -0.21
CA ARG A 30 2.46 15.79 -1.40
C ARG A 30 3.66 15.38 -2.24
N SER A 31 3.55 14.24 -2.91
CA SER A 31 4.68 13.75 -3.68
C SER A 31 4.23 12.79 -4.77
N ASP A 32 4.70 13.03 -5.99
CA ASP A 32 4.71 12.02 -7.03
C ASP A 32 5.90 11.09 -6.80
N PRO A 33 5.89 9.89 -7.39
CA PRO A 33 7.03 8.98 -7.20
C PRO A 33 8.26 9.45 -7.96
N LEU A 34 9.42 9.15 -7.40
CA LEU A 34 10.64 9.17 -8.19
C LEU A 34 10.57 8.11 -9.27
N ALA A 35 10.14 6.92 -8.91
CA ALA A 35 9.86 5.84 -9.86
C ALA A 35 8.76 4.97 -9.28
N TYR A 36 8.01 4.31 -10.15
CA TYR A 36 6.93 3.44 -9.73
C TYR A 36 6.56 2.53 -10.89
N THR A 37 5.93 1.40 -10.55
CA THR A 37 5.48 0.46 -11.56
C THR A 37 4.31 -0.34 -10.99
N VAL A 38 3.51 -0.90 -11.89
CA VAL A 38 2.40 -1.75 -11.49
C VAL A 38 2.95 -3.03 -10.86
N CYS A 39 2.28 -3.52 -9.83
CA CYS A 39 2.74 -4.72 -9.14
C CYS A 39 2.36 -5.96 -9.94
N LYS A 40 2.90 -7.11 -9.50
CA LYS A 40 2.85 -8.33 -10.28
C LYS A 40 1.41 -8.76 -10.57
N GLY A 41 0.55 -8.71 -9.55
CA GLY A 41 -0.81 -9.20 -9.72
C GLY A 41 -1.72 -8.31 -10.52
N SER A 42 -1.43 -7.01 -10.55
CA SER A 42 -2.28 -6.04 -11.25
C SER A 42 -1.78 -5.72 -12.66
N ARG A 43 -0.65 -6.30 -13.07
CA ARG A 43 -0.17 -6.10 -14.43
C ARG A 43 -1.19 -6.62 -15.43
N GLY A 44 -1.52 -5.78 -16.41
CA GLY A 44 -2.58 -6.08 -17.34
C GLY A 44 -3.98 -5.89 -16.78
N VAL A 45 -4.11 -5.54 -15.52
CA VAL A 45 -5.40 -5.29 -14.90
C VAL A 45 -5.67 -3.80 -14.74
N VAL A 46 -4.66 -3.04 -14.30
CA VAL A 46 -4.77 -1.59 -14.15
C VAL A 46 -3.81 -0.93 -15.13
N CYS A 47 -4.05 0.35 -15.38
CA CYS A 47 -3.23 1.12 -16.30
C CYS A 47 -1.83 1.31 -15.72
N ASP A 48 -0.81 1.16 -16.57
CA ASP A 48 0.57 1.28 -16.11
C ASP A 48 0.84 2.65 -15.53
N ARG A 49 0.22 3.70 -16.07
CA ARG A 49 0.49 5.07 -15.63
C ARG A 49 -0.40 5.45 -14.44
N CYS A 50 -1.71 5.56 -14.66
CA CYS A 50 -2.59 6.09 -13.64
C CYS A 50 -3.06 5.04 -12.63
N LEU A 51 -2.73 3.76 -12.84
CA LEU A 51 -3.04 2.69 -11.89
C LEU A 51 -4.55 2.53 -11.67
N LEU A 52 -5.35 2.88 -12.65
CA LEU A 52 -6.80 2.69 -12.59
C LEU A 52 -7.22 1.48 -13.41
N GLY A 53 -8.25 0.79 -12.92
CA GLY A 53 -8.71 -0.40 -13.59
C GLY A 53 -9.60 -0.11 -14.78
N LYS A 54 -9.70 -1.10 -15.66
CA LYS A 54 -10.50 -0.98 -16.88
C LYS A 54 -10.72 -2.37 -17.45
N GLU A 55 -11.88 -2.56 -18.09
CA GLU A 55 -12.20 -3.83 -18.71
C GLU A 55 -11.27 -4.12 -19.89
N LYS A 56 -11.02 -3.11 -20.72
CA LYS A 56 -10.16 -3.25 -21.89
C LYS A 56 -8.98 -2.29 -21.74
N LEU A 57 -7.78 -2.85 -21.72
CA LEU A 57 -6.55 -2.07 -21.71
C LEU A 57 -5.84 -2.23 -23.05
N MET A 58 -5.25 -1.14 -23.54
CA MET A 58 -4.42 -1.20 -24.74
C MET A 58 -2.97 -1.41 -24.34
N ARG A 59 -2.25 -2.19 -25.13
CA ARG A 59 -0.89 -2.58 -24.81
C ARG A 59 0.10 -1.81 -25.66
N CYS A 60 1.29 -1.60 -25.11
CA CYS A 60 2.39 -1.05 -25.90
C CYS A 60 2.75 -2.03 -27.01
N SER A 61 2.81 -1.52 -28.24
CA SER A 61 3.02 -2.42 -29.38
C SER A 61 4.43 -2.99 -29.41
N GLN A 62 5.41 -2.24 -28.91
CA GLN A 62 6.80 -2.69 -28.99
C GLN A 62 7.07 -3.85 -28.04
N CYS A 63 6.76 -3.66 -26.75
CA CYS A 63 7.05 -4.68 -25.75
C CYS A 63 5.85 -5.56 -25.41
N ARG A 64 4.63 -5.05 -25.55
CA ARG A 64 3.40 -5.79 -25.24
C ARG A 64 3.37 -6.23 -23.78
N VAL A 65 4.08 -5.52 -22.92
CA VAL A 65 4.05 -5.75 -21.47
C VAL A 65 3.35 -4.61 -20.76
N ALA A 66 3.72 -3.37 -21.07
CA ALA A 66 3.02 -2.22 -20.53
C ALA A 66 1.64 -2.09 -21.15
N LYS A 67 0.64 -1.80 -20.31
CA LYS A 67 -0.74 -1.66 -20.76
C LYS A 67 -1.34 -0.41 -20.14
N TYR A 68 -2.26 0.21 -20.88
CA TYR A 68 -2.75 1.54 -20.52
C TYR A 68 -4.26 1.60 -20.70
N CYS A 69 -4.87 2.53 -19.98
CA CYS A 69 -6.32 2.74 -20.04
C CYS A 69 -6.72 3.64 -21.21
N SER A 70 -5.79 4.41 -21.75
CA SER A 70 -6.14 5.41 -22.76
C SER A 70 -4.89 5.74 -23.58
N ALA A 71 -5.13 6.38 -24.73
CA ALA A 71 -4.03 6.88 -25.54
C ALA A 71 -3.27 7.99 -24.82
N LYS A 72 -3.96 8.79 -24.01
CA LYS A 72 -3.28 9.83 -23.24
C LYS A 72 -2.30 9.23 -22.24
N CYS A 73 -2.72 8.17 -21.55
CA CYS A 73 -1.85 7.55 -20.56
C CYS A 73 -0.65 6.87 -21.22
N GLN A 74 -0.86 6.23 -22.37
CA GLN A 74 0.24 5.55 -23.04
C GLN A 74 1.29 6.53 -23.54
N LYS A 75 0.84 7.65 -24.15
CA LYS A 75 1.78 8.62 -24.67
C LYS A 75 2.50 9.37 -23.55
N LYS A 76 1.76 9.76 -22.51
CA LYS A 76 2.38 10.48 -21.40
C LYS A 76 3.38 9.61 -20.64
N ALA A 77 3.16 8.30 -20.64
CA ALA A 77 4.07 7.38 -19.94
C ALA A 77 5.26 6.97 -20.81
N TRP A 78 5.29 7.38 -22.08
CA TRP A 78 6.36 6.94 -22.97
C TRP A 78 7.75 7.38 -22.52
N PRO A 79 7.99 8.64 -22.11
CA PRO A 79 9.34 9.02 -21.69
C PRO A 79 9.91 8.14 -20.59
N ASP A 80 9.13 7.83 -19.56
CA ASP A 80 9.61 6.99 -18.47
C ASP A 80 9.53 5.49 -18.78
N HIS A 81 8.98 5.12 -19.93
CA HIS A 81 8.88 3.71 -20.33
C HIS A 81 9.80 3.36 -21.49
N LYS A 82 10.31 4.37 -22.22
CA LYS A 82 11.00 4.13 -23.48
C LYS A 82 12.17 3.16 -23.31
N ARG A 83 12.96 3.32 -22.25
CA ARG A 83 14.17 2.51 -22.11
C ARG A 83 13.88 1.14 -21.50
N GLU A 84 12.94 1.06 -20.56
CA GLU A 84 12.53 -0.24 -20.05
C GLU A 84 11.79 -1.06 -21.10
N CYS A 85 11.24 -0.41 -22.12
CA CYS A 85 10.51 -1.12 -23.16
C CYS A 85 11.42 -2.08 -23.93
N LYS A 86 12.61 -1.62 -24.31
CA LYS A 86 13.55 -2.49 -25.00
C LYS A 86 13.98 -3.66 -24.12
N CYS A 87 14.06 -3.43 -22.80
CA CYS A 87 14.50 -4.49 -21.91
C CYS A 87 13.39 -5.51 -21.68
N LEU A 88 12.16 -5.05 -21.46
CA LEU A 88 11.05 -5.97 -21.33
C LEU A 88 10.86 -6.80 -22.58
N LYS A 89 11.09 -6.20 -23.75
CA LYS A 89 10.93 -6.92 -25.01
C LYS A 89 12.01 -7.99 -25.18
N SER A 90 13.28 -7.59 -25.07
CA SER A 90 14.38 -8.51 -25.30
C SER A 90 14.42 -9.65 -24.28
N CYS A 91 13.74 -9.49 -23.14
CA CYS A 91 13.72 -10.50 -22.10
C CYS A 91 12.43 -11.29 -22.06
N LYS A 92 11.60 -11.18 -23.10
CA LYS A 92 10.37 -11.96 -23.16
C LYS A 92 10.69 -13.44 -23.34
N PRO A 93 9.87 -14.34 -22.77
CA PRO A 93 8.69 -14.04 -21.97
C PRO A 93 8.97 -13.99 -20.46
N ARG A 94 10.19 -13.63 -20.09
CA ARG A 94 10.57 -13.53 -18.68
C ARG A 94 10.27 -12.13 -18.17
N TYR A 95 9.37 -12.04 -17.18
CA TYR A 95 9.05 -10.76 -16.55
C TYR A 95 9.83 -10.63 -15.26
N PRO A 96 10.50 -9.49 -15.02
CA PRO A 96 11.38 -9.37 -13.85
C PRO A 96 10.58 -9.24 -12.57
N PRO A 97 11.22 -9.42 -11.42
CA PRO A 97 10.56 -9.08 -10.15
C PRO A 97 10.20 -7.60 -10.11
N ASP A 98 9.19 -7.28 -9.30
CA ASP A 98 8.71 -5.90 -9.21
C ASP A 98 9.82 -4.96 -8.80
N SER A 99 10.66 -5.38 -7.85
CA SER A 99 11.75 -4.52 -7.39
C SER A 99 12.78 -4.28 -8.48
N VAL A 100 12.94 -5.23 -9.41
CA VAL A 100 13.92 -5.06 -10.48
C VAL A 100 13.39 -4.07 -11.51
N ARG A 101 12.12 -4.18 -11.90
CA ARG A 101 11.54 -3.18 -12.79
C ARG A 101 11.49 -1.81 -12.13
N LEU A 102 11.33 -1.76 -10.81
CA LEU A 102 11.33 -0.48 -10.11
C LEU A 102 12.71 0.15 -10.15
N LEU A 103 13.76 -0.62 -9.85
CA LEU A 103 15.11 -0.05 -9.85
C LEU A 103 15.53 0.39 -11.25
N GLY A 104 15.08 -0.33 -12.29
CA GLY A 104 15.36 0.11 -13.64
C GLY A 104 14.81 1.49 -13.92
N ARG A 105 13.58 1.76 -13.46
CA ARG A 105 13.00 3.08 -13.64
C ARG A 105 13.70 4.13 -12.77
N VAL A 106 14.27 3.71 -11.64
CA VAL A 106 15.06 4.63 -10.83
C VAL A 106 16.31 5.07 -11.59
N VAL A 107 17.00 4.11 -12.20
CA VAL A 107 18.24 4.44 -12.93
C VAL A 107 17.93 5.35 -14.10
N PHE A 108 16.91 5.02 -14.89
CA PHE A 108 16.56 5.84 -16.03
C PHE A 108 16.15 7.25 -15.59
N LYS A 109 15.34 7.35 -14.53
CA LYS A 109 14.93 8.66 -14.03
C LYS A 109 16.13 9.46 -13.55
N LEU A 110 17.07 8.81 -12.87
CA LEU A 110 18.26 9.51 -12.38
C LEU A 110 19.21 9.87 -13.50
N MET A 111 19.27 9.05 -14.56
CA MET A 111 20.20 9.31 -15.65
C MET A 111 19.65 10.32 -16.64
N ASP A 112 18.36 10.21 -17.00
CA ASP A 112 17.81 10.98 -18.10
C ASP A 112 16.82 12.06 -17.67
N GLY A 113 16.37 12.05 -16.41
CA GLY A 113 15.37 13.00 -15.96
C GLY A 113 15.98 14.16 -15.20
N ALA A 114 15.26 15.29 -15.22
CA ALA A 114 15.64 16.43 -14.39
C ALA A 114 15.54 16.04 -12.91
N PRO A 115 16.19 16.81 -12.04
CA PRO A 115 16.06 16.55 -10.60
C PRO A 115 14.60 16.43 -10.19
N SER A 116 14.28 15.36 -9.47
CA SER A 116 12.89 15.03 -9.16
C SER A 116 12.40 15.81 -7.95
N GLU A 117 11.15 16.29 -8.03
CA GLU A 117 10.54 16.95 -6.90
C GLU A 117 10.36 16.00 -5.71
N SER A 118 10.27 14.70 -5.99
CA SER A 118 10.12 13.72 -4.92
C SER A 118 11.35 13.63 -4.03
N GLU A 119 12.49 14.17 -4.47
CA GLU A 119 13.74 14.12 -3.71
C GLU A 119 14.05 15.44 -3.01
N LYS A 120 13.03 16.26 -2.76
CA LYS A 120 13.26 17.59 -2.19
C LYS A 120 13.91 17.50 -0.82
N LEU A 121 13.33 16.71 0.09
CA LEU A 121 13.84 16.60 1.45
C LEU A 121 14.89 15.52 1.60
N TYR A 122 14.89 14.53 0.73
CA TYR A 122 15.70 13.32 0.89
C TYR A 122 15.81 12.68 -0.48
N SER A 123 17.02 12.29 -0.87
CA SER A 123 17.26 11.71 -2.18
C SER A 123 17.38 10.20 -2.10
N PHE A 124 17.35 9.56 -3.27
CA PHE A 124 17.58 8.12 -3.32
C PHE A 124 18.97 7.77 -2.78
N TYR A 125 19.94 8.63 -3.03
CA TYR A 125 21.29 8.40 -2.52
C TYR A 125 21.33 8.51 -1.00
N ASP A 126 20.41 9.27 -0.41
CA ASP A 126 20.36 9.43 1.04
C ASP A 126 19.69 8.25 1.75
N LEU A 127 18.94 7.43 1.01
CA LEU A 127 18.08 6.43 1.62
C LEU A 127 18.86 5.46 2.48
N GLU A 128 18.22 5.02 3.57
CA GLU A 128 18.82 4.02 4.45
C GLU A 128 18.92 2.69 3.73
N SER A 129 20.06 2.01 3.90
CA SER A 129 20.28 0.70 3.32
C SER A 129 20.39 -0.42 4.35
N ASN A 130 20.70 -0.08 5.60
CA ASN A 130 20.84 -1.07 6.68
C ASN A 130 21.87 -2.15 6.33
N ILE A 131 22.94 -1.76 5.62
CA ILE A 131 23.88 -2.73 5.09
C ILE A 131 24.54 -3.52 6.23
N ASN A 132 24.97 -2.83 7.27
CA ASN A 132 25.69 -3.49 8.36
C ASN A 132 24.78 -4.28 9.29
N LYS A 133 23.48 -4.37 8.98
CA LYS A 133 22.56 -5.21 9.73
C LYS A 133 21.98 -6.36 8.93
N LEU A 134 22.23 -6.42 7.63
CA LEU A 134 21.68 -7.48 6.80
C LEU A 134 22.29 -8.83 7.17
N THR A 135 21.43 -9.84 7.25
CA THR A 135 21.91 -11.20 7.48
C THR A 135 22.52 -11.75 6.19
N GLU A 136 23.26 -12.85 6.35
CA GLU A 136 23.90 -13.47 5.19
C GLU A 136 22.86 -13.97 4.18
N ASP A 137 21.72 -14.48 4.68
CA ASP A 137 20.66 -14.92 3.79
C ASP A 137 20.09 -13.75 3.00
N ARG A 138 19.96 -12.58 3.65
CA ARG A 138 19.48 -11.40 2.95
C ARG A 138 20.48 -10.92 1.90
N LYS A 139 21.77 -10.94 2.23
CA LYS A 139 22.79 -10.54 1.27
C LYS A 139 22.76 -11.44 0.04
N GLU A 140 22.60 -12.75 0.25
CA GLU A 140 22.54 -13.67 -0.88
C GLU A 140 21.33 -13.37 -1.77
N GLY A 141 20.20 -13.04 -1.16
CA GLY A 141 19.02 -12.66 -1.94
C GLY A 141 19.26 -11.38 -2.73
N LEU A 142 19.98 -10.43 -2.15
CA LEU A 142 20.28 -9.19 -2.86
C LEU A 142 21.21 -9.44 -4.03
N ARG A 143 22.16 -10.37 -3.87
CA ARG A 143 23.08 -10.68 -4.97
C ARG A 143 22.35 -11.30 -6.14
N GLN A 144 21.33 -12.13 -5.86
CA GLN A 144 20.52 -12.66 -6.95
C GLN A 144 19.70 -11.57 -7.62
N LEU A 145 19.23 -10.59 -6.84
CA LEU A 145 18.52 -9.45 -7.42
C LEU A 145 19.44 -8.61 -8.28
N VAL A 146 20.70 -8.45 -7.87
CA VAL A 146 21.66 -7.70 -8.67
C VAL A 146 21.87 -8.38 -10.02
N MET A 147 22.11 -9.69 -10.01
CA MET A 147 22.31 -10.42 -11.26
C MET A 147 21.04 -10.45 -12.08
N THR A 148 19.87 -10.46 -11.43
CA THR A 148 18.61 -10.35 -12.16
C THR A 148 18.50 -8.99 -12.85
N PHE A 149 18.91 -7.93 -12.16
CA PHE A 149 18.91 -6.60 -12.75
C PHE A 149 19.83 -6.53 -13.96
N GLN A 150 21.05 -7.04 -13.81
CA GLN A 150 22.02 -7.00 -14.90
C GLN A 150 21.52 -7.77 -16.12
N HIS A 151 20.83 -8.90 -15.88
CA HIS A 151 20.30 -9.67 -17.00
C HIS A 151 19.14 -8.95 -17.68
N PHE A 152 18.31 -8.26 -16.91
CA PHE A 152 17.11 -7.65 -17.46
C PHE A 152 17.40 -6.33 -18.18
N MET A 153 18.51 -5.69 -17.82
CA MET A 153 18.84 -4.34 -18.30
C MET A 153 19.97 -4.31 -19.31
N ARG A 154 20.46 -5.47 -19.77
CA ARG A 154 21.66 -5.50 -20.60
C ARG A 154 21.49 -4.71 -21.89
N GLU A 155 20.26 -4.63 -22.42
CA GLU A 155 20.04 -3.89 -23.66
C GLU A 155 20.32 -2.40 -23.49
N GLU A 156 20.04 -1.85 -22.31
CA GLU A 156 20.18 -0.42 -22.07
C GLU A 156 21.32 -0.05 -21.15
N ILE A 157 21.77 -0.96 -20.29
CA ILE A 157 22.84 -0.69 -19.34
C ILE A 157 23.89 -1.78 -19.50
N GLN A 158 25.06 -1.41 -20.01
CA GLN A 158 26.15 -2.36 -20.23
C GLN A 158 27.27 -2.23 -19.21
N ASP A 159 27.51 -1.04 -18.68
CA ASP A 159 28.61 -0.81 -17.76
C ASP A 159 28.20 0.28 -16.76
N ALA A 160 29.15 0.64 -15.90
CA ALA A 160 28.89 1.64 -14.88
C ALA A 160 28.74 3.05 -15.46
N SER A 161 29.20 3.27 -16.70
CA SER A 161 29.06 4.58 -17.31
C SER A 161 27.59 4.92 -17.57
N GLN A 162 26.74 3.91 -17.75
CA GLN A 162 25.31 4.10 -17.92
C GLN A 162 24.57 4.16 -16.59
N LEU A 163 25.26 3.94 -15.48
CA LEU A 163 24.71 4.14 -14.15
C LEU A 163 25.15 5.47 -13.59
N PRO A 164 24.41 6.03 -12.64
CA PRO A 164 24.83 7.29 -12.00
C PRO A 164 26.17 7.13 -11.33
N PRO A 165 26.87 8.22 -11.04
CA PRO A 165 28.21 8.10 -10.45
C PRO A 165 28.16 7.44 -9.08
N ALA A 166 29.10 6.50 -8.87
CA ALA A 166 29.22 5.77 -7.61
C ALA A 166 27.90 5.07 -7.24
N PHE A 167 27.24 4.51 -8.24
CA PHE A 167 25.99 3.78 -8.04
C PHE A 167 26.32 2.29 -7.87
N ASP A 168 25.99 1.74 -6.70
CA ASP A 168 26.21 0.33 -6.40
C ASP A 168 24.87 -0.40 -6.42
N LEU A 169 24.74 -1.39 -7.31
CA LEU A 169 23.47 -2.08 -7.47
C LEU A 169 23.08 -2.84 -6.21
N PHE A 170 24.06 -3.39 -5.50
CA PHE A 170 23.76 -4.10 -4.26
C PHE A 170 23.19 -3.16 -3.22
N GLU A 171 23.85 -2.01 -3.01
CA GLU A 171 23.35 -1.01 -2.07
C GLU A 171 22.01 -0.44 -2.53
N ALA A 172 21.80 -0.34 -3.85
CA ALA A 172 20.54 0.18 -4.36
C ALA A 172 19.38 -0.74 -4.03
N PHE A 173 19.56 -2.06 -4.20
CA PHE A 173 18.49 -2.98 -3.85
C PHE A 173 18.26 -3.04 -2.35
N ALA A 174 19.32 -2.87 -1.55
CA ALA A 174 19.14 -2.80 -0.11
C ALA A 174 18.30 -1.59 0.29
N LYS A 175 18.48 -0.47 -0.42
CA LYS A 175 17.61 0.68 -0.20
C LYS A 175 16.17 0.37 -0.57
N VAL A 176 15.96 -0.36 -1.67
CA VAL A 176 14.62 -0.66 -2.14
C VAL A 176 13.88 -1.54 -1.14
N ILE A 177 14.60 -2.44 -0.46
CA ILE A 177 13.96 -3.38 0.47
C ILE A 177 13.21 -2.63 1.56
N CYS A 178 13.84 -1.60 2.13
CA CYS A 178 13.29 -0.90 3.29
C CYS A 178 12.78 0.50 2.95
N ASN A 179 12.61 0.81 1.66
CA ASN A 179 12.07 2.11 1.29
C ASN A 179 11.00 2.02 0.20
N SER A 180 10.54 0.83 -0.15
CA SER A 180 9.50 0.69 -1.15
C SER A 180 8.12 0.97 -0.55
N PHE A 181 7.28 1.66 -1.31
CA PHE A 181 5.92 1.97 -0.91
C PHE A 181 4.96 1.13 -1.73
N THR A 182 4.18 0.29 -1.06
CA THR A 182 3.08 -0.38 -1.72
C THR A 182 1.98 0.63 -2.04
N ILE A 183 1.57 0.68 -3.30
CA ILE A 183 0.54 1.60 -3.76
C ILE A 183 -0.78 0.87 -3.84
N CYS A 184 -1.80 1.41 -3.17
CA CYS A 184 -3.15 0.86 -3.21
C CYS A 184 -4.08 1.87 -3.87
N ASN A 185 -5.08 1.35 -4.58
CA ASN A 185 -6.04 2.22 -5.23
C ASN A 185 -7.05 2.74 -4.21
N ALA A 186 -8.07 3.46 -4.70
CA ALA A 186 -9.06 4.06 -3.81
C ALA A 186 -9.81 2.99 -3.02
N GLU A 187 -9.99 1.81 -3.59
CA GLU A 187 -10.71 0.72 -2.93
C GLU A 187 -9.80 -0.12 -2.05
N MET A 188 -8.59 0.35 -1.76
CA MET A 188 -7.64 -0.35 -0.90
C MET A 188 -7.26 -1.72 -1.46
N GLN A 189 -7.03 -1.76 -2.77
CA GLN A 189 -6.47 -2.92 -3.44
C GLN A 189 -5.06 -2.56 -3.92
N GLU A 190 -4.09 -3.42 -3.62
CA GLU A 190 -2.71 -3.14 -3.98
C GLU A 190 -2.55 -3.21 -5.49
N VAL A 191 -1.96 -2.17 -6.08
CA VAL A 191 -1.92 -2.05 -7.53
C VAL A 191 -0.53 -1.68 -8.02
N GLY A 192 0.36 -1.25 -7.12
CA GLY A 192 1.66 -0.81 -7.57
C GLY A 192 2.67 -0.73 -6.45
N VAL A 193 3.88 -0.31 -6.83
CA VAL A 193 4.98 -0.11 -5.90
C VAL A 193 5.81 1.06 -6.40
N GLY A 194 6.26 1.91 -5.47
CA GLY A 194 6.99 3.09 -5.86
C GLY A 194 7.96 3.54 -4.78
N LEU A 195 8.84 4.46 -5.17
CA LEU A 195 9.82 5.05 -4.27
C LEU A 195 9.52 6.53 -4.11
N TYR A 196 9.42 6.98 -2.86
CA TYR A 196 9.13 8.38 -2.52
C TYR A 196 10.16 8.81 -1.50
N PRO A 197 11.34 9.26 -1.96
CA PRO A 197 12.48 9.42 -1.03
C PRO A 197 12.24 10.43 0.07
N SER A 198 11.55 11.55 -0.22
CA SER A 198 11.22 12.51 0.83
C SER A 198 10.32 11.88 1.89
N ILE A 199 9.33 11.10 1.45
CA ILE A 199 8.45 10.41 2.37
C ILE A 199 9.17 9.31 3.13
N SER A 200 10.29 8.82 2.59
CA SER A 200 11.04 7.74 3.22
C SER A 200 11.72 8.19 4.50
N LEU A 201 11.61 9.48 4.83
CA LEU A 201 12.14 9.97 6.09
C LEU A 201 11.28 9.58 7.28
N LEU A 202 10.03 9.20 7.06
CA LEU A 202 9.12 8.87 8.15
C LEU A 202 9.52 7.55 8.79
N ASN A 203 9.75 7.57 10.09
CA ASN A 203 10.01 6.34 10.84
C ASN A 203 8.71 5.68 11.27
N HIS A 204 8.81 4.45 11.74
CA HIS A 204 7.64 3.62 12.00
C HIS A 204 7.14 3.78 13.44
N SER A 205 5.83 3.61 13.60
CA SER A 205 5.21 3.45 14.90
C SER A 205 4.01 2.52 14.76
N CYS A 206 3.86 1.60 15.71
CA CYS A 206 2.66 0.77 15.75
C CYS A 206 1.43 1.57 16.19
N ASP A 207 1.61 2.82 16.57
CA ASP A 207 0.51 3.73 16.91
C ASP A 207 0.91 5.11 16.44
N PRO A 208 0.79 5.37 15.14
CA PRO A 208 1.40 6.57 14.56
C PRO A 208 0.53 7.81 14.73
N ASN A 209 1.15 8.96 14.45
CA ASN A 209 0.46 10.23 14.43
C ASN A 209 0.22 10.77 13.03
N CYS A 210 0.73 10.10 12.01
CA CYS A 210 0.51 10.49 10.61
C CYS A 210 0.05 9.28 9.82
N SER A 211 -0.41 9.54 8.60
CA SER A 211 -0.87 8.48 7.71
C SER A 211 -0.80 8.99 6.29
N ILE A 212 -0.54 8.07 5.35
CA ILE A 212 -0.49 8.41 3.94
C ILE A 212 -1.62 7.69 3.22
N VAL A 213 -2.09 8.31 2.14
CA VAL A 213 -3.06 7.72 1.23
C VAL A 213 -2.57 7.93 -0.19
N PHE A 214 -2.93 7.03 -1.08
CA PHE A 214 -2.57 7.12 -2.47
C PHE A 214 -3.78 7.46 -3.31
N ASN A 215 -3.61 8.42 -4.21
CA ASN A 215 -4.60 8.80 -5.23
C ASN A 215 -3.90 8.56 -6.56
N GLY A 216 -4.07 7.36 -7.10
CA GLY A 216 -3.20 6.89 -8.15
C GLY A 216 -1.80 6.74 -7.60
N PRO A 217 -0.79 7.11 -8.39
CA PRO A 217 0.59 7.12 -7.89
C PRO A 217 0.91 8.30 -6.99
N HIS A 218 -0.01 9.26 -6.84
CA HIS A 218 0.23 10.43 -6.01
C HIS A 218 0.02 10.12 -4.55
N LEU A 219 0.93 10.60 -3.71
CA LEU A 219 0.95 10.31 -2.28
C LEU A 219 0.56 11.56 -1.49
N LEU A 220 -0.35 11.40 -0.54
CA LEU A 220 -0.74 12.46 0.38
C LEU A 220 -0.36 12.04 1.78
N LEU A 221 0.39 12.90 2.48
CA LEU A 221 0.77 12.66 3.87
C LEU A 221 -0.01 13.61 4.76
N ARG A 222 -0.79 13.05 5.69
CA ARG A 222 -1.64 13.84 6.57
C ARG A 222 -1.39 13.45 8.02
N ALA A 223 -1.63 14.41 8.91
CA ALA A 223 -1.62 14.13 10.34
C ALA A 223 -2.95 13.51 10.74
N VAL A 224 -2.89 12.54 11.66
CA VAL A 224 -4.07 11.90 12.21
C VAL A 224 -4.17 12.05 13.71
N ARG A 225 -3.21 12.73 14.34
CA ARG A 225 -3.28 13.13 15.73
C ARG A 225 -2.80 14.57 15.85
N ASP A 226 -2.97 15.14 17.03
CA ASP A 226 -2.35 16.42 17.32
C ASP A 226 -0.84 16.23 17.44
N ILE A 227 -0.08 17.12 16.82
CA ILE A 227 1.38 17.08 16.85
C ILE A 227 1.89 18.47 17.17
N GLU A 228 2.76 18.58 18.17
CA GLU A 228 3.33 19.86 18.54
C GLU A 228 4.69 20.05 17.90
N VAL A 229 5.23 21.27 18.04
CA VAL A 229 6.48 21.63 17.38
C VAL A 229 7.60 20.73 17.86
N GLY A 230 8.42 20.25 16.91
CA GLY A 230 9.55 19.42 17.22
C GLY A 230 9.24 17.95 17.44
N GLU A 231 7.96 17.58 17.52
CA GLU A 231 7.59 16.18 17.70
C GLU A 231 7.81 15.41 16.40
N GLU A 232 8.39 14.22 16.52
CA GLU A 232 8.65 13.40 15.35
C GLU A 232 7.34 12.91 14.73
N LEU A 233 7.29 12.90 13.40
CA LEU A 233 6.17 12.34 12.67
C LEU A 233 6.42 10.87 12.40
N THR A 234 5.39 10.05 12.60
CA THR A 234 5.49 8.61 12.39
C THR A 234 4.29 8.12 11.59
N ILE A 235 4.54 7.08 10.80
CA ILE A 235 3.50 6.32 10.11
C ILE A 235 3.68 4.86 10.48
N CYS A 236 2.62 4.07 10.27
CA CYS A 236 2.69 2.64 10.52
C CYS A 236 3.07 1.93 9.24
N TYR A 237 4.21 1.23 9.27
CA TYR A 237 4.69 0.51 8.09
C TYR A 237 3.84 -0.71 7.77
N LEU A 238 3.07 -1.22 8.74
CA LEU A 238 2.52 -2.55 8.68
C LEU A 238 1.00 -2.55 8.64
N ASP A 239 0.45 -3.65 8.17
CA ASP A 239 -0.99 -3.90 8.27
C ASP A 239 -1.41 -3.94 9.73
N MET A 240 -2.55 -3.32 10.03
CA MET A 240 -3.00 -3.25 11.42
C MET A 240 -3.42 -4.61 11.97
N LEU A 241 -3.79 -5.55 11.10
CA LEU A 241 -4.25 -6.87 11.54
C LEU A 241 -3.06 -7.83 11.63
N MET A 242 -2.16 -7.50 12.56
CA MET A 242 -0.98 -8.31 12.83
C MET A 242 -0.75 -8.37 14.33
N THR A 243 -0.22 -9.51 14.78
CA THR A 243 0.20 -9.61 16.17
C THR A 243 1.59 -9.01 16.34
N SER A 244 1.93 -8.70 17.60
CA SER A 244 3.25 -8.14 17.88
C SER A 244 4.35 -9.12 17.48
N GLU A 245 4.07 -10.42 17.52
CA GLU A 245 5.01 -11.40 16.99
C GLU A 245 5.18 -11.23 15.48
N GLU A 246 4.06 -11.08 14.76
CA GLU A 246 4.13 -10.90 13.31
C GLU A 246 4.78 -9.57 12.95
N ARG A 247 4.53 -8.53 13.76
CA ARG A 247 5.18 -7.25 13.52
C ARG A 247 6.68 -7.33 13.75
N ARG A 248 7.10 -8.05 14.80
CA ARG A 248 8.53 -8.18 15.09
C ARG A 248 9.27 -8.85 13.94
N LYS A 249 8.67 -9.88 13.34
CA LYS A 249 9.35 -10.60 12.27
C LYS A 249 9.53 -9.72 11.04
N GLN A 250 8.48 -9.01 10.63
CA GLN A 250 8.59 -8.20 9.42
C GLN A 250 9.47 -6.98 9.64
N LEU A 251 9.38 -6.35 10.82
CA LEU A 251 10.26 -5.22 11.10
C LEU A 251 11.71 -5.65 11.21
N ARG A 252 11.97 -6.90 11.63
CA ARG A 252 13.32 -7.43 11.62
C ARG A 252 13.75 -7.77 10.20
N ASP A 253 12.96 -8.58 9.50
CA ASP A 253 13.37 -9.12 8.21
C ASP A 253 13.46 -8.04 7.14
N GLN A 254 12.52 -7.09 7.15
CA GLN A 254 12.45 -6.09 6.10
C GLN A 254 13.13 -4.77 6.46
N TYR A 255 13.03 -4.33 7.71
CA TYR A 255 13.50 -3.01 8.10
C TYR A 255 14.65 -3.02 9.11
N CYS A 256 15.04 -4.18 9.63
CA CYS A 256 16.24 -4.32 10.45
C CYS A 256 16.21 -3.44 11.70
N PHE A 257 15.11 -3.50 12.43
CA PHE A 257 15.04 -2.83 13.72
C PHE A 257 14.05 -3.55 14.63
N GLU A 258 14.25 -3.38 15.93
CA GLU A 258 13.35 -3.89 16.94
C GLU A 258 12.51 -2.74 17.49
N CYS A 259 11.20 -2.95 17.58
CA CYS A 259 10.29 -1.89 18.00
C CYS A 259 10.13 -1.90 19.51
N ASP A 260 10.31 -0.72 20.12
CA ASP A 260 10.25 -0.55 21.56
C ASP A 260 8.94 0.08 22.03
N CYS A 261 7.98 0.26 21.13
CA CYS A 261 6.77 1.00 21.45
C CYS A 261 5.95 0.28 22.53
N PHE A 262 4.97 1.01 23.07
CA PHE A 262 4.15 0.47 24.15
C PHE A 262 3.36 -0.75 23.70
N ARG A 263 2.89 -0.73 22.45
CA ARG A 263 2.08 -1.84 21.95
C ARG A 263 2.87 -3.13 21.90
N CYS A 264 4.10 -3.07 21.40
CA CYS A 264 4.94 -4.26 21.31
C CYS A 264 5.38 -4.74 22.68
N GLN A 265 5.63 -3.81 23.62
CA GLN A 265 6.06 -4.20 24.95
C GLN A 265 4.97 -4.98 25.69
N THR A 266 3.70 -4.60 25.48
CA THR A 266 2.58 -5.18 26.20
C THR A 266 1.76 -6.13 25.36
N GLN A 267 2.21 -6.45 24.15
CA GLN A 267 1.48 -7.31 23.23
C GLN A 267 0.04 -6.83 23.08
N ASP A 268 -0.09 -5.53 22.84
CA ASP A 268 -1.40 -4.87 22.83
C ASP A 268 -2.29 -5.47 21.75
N LYS A 269 -3.49 -5.91 22.18
CA LYS A 269 -4.54 -6.50 21.36
C LYS A 269 -4.19 -7.89 20.84
N ASP A 270 -3.04 -8.45 21.21
CA ASP A 270 -2.65 -9.76 20.69
C ASP A 270 -3.65 -10.84 21.08
N ALA A 271 -4.08 -10.85 22.34
CA ALA A 271 -4.98 -11.91 22.81
C ALA A 271 -6.32 -11.87 22.10
N ASP A 272 -6.89 -10.67 21.93
CA ASP A 272 -8.17 -10.55 21.24
C ASP A 272 -8.05 -10.96 19.78
N MET A 273 -6.91 -10.68 19.15
CA MET A 273 -6.71 -11.02 17.74
C MET A 273 -6.67 -12.52 17.51
N LEU A 274 -6.34 -13.31 18.52
CA LEU A 274 -6.16 -14.75 18.37
C LEU A 274 -7.20 -15.54 19.16
N THR A 275 -8.38 -14.96 19.37
CA THR A 275 -9.45 -15.70 20.03
C THR A 275 -9.99 -16.77 19.08
N GLY A 276 -10.62 -17.78 19.68
CA GLY A 276 -11.09 -18.94 18.94
C GLY A 276 -10.11 -20.10 19.02
N ASP A 277 -10.51 -21.21 18.42
CA ASP A 277 -9.70 -22.42 18.47
C ASP A 277 -8.42 -22.24 17.65
N GLU A 278 -7.29 -22.56 18.27
CA GLU A 278 -6.01 -22.31 17.61
C GLU A 278 -5.85 -23.15 16.35
N GLN A 279 -6.23 -24.43 16.42
CA GLN A 279 -6.12 -25.29 15.25
C GLN A 279 -6.91 -24.74 14.08
N VAL A 280 -8.04 -24.07 14.34
CA VAL A 280 -8.86 -23.55 13.26
C VAL A 280 -8.19 -22.35 12.61
N TRP A 281 -7.77 -21.35 13.40
CA TRP A 281 -7.18 -20.17 12.78
C TRP A 281 -5.74 -20.41 12.31
N LYS A 282 -5.11 -21.51 12.72
CA LYS A 282 -3.88 -21.92 12.06
C LYS A 282 -4.15 -22.33 10.62
N GLU A 283 -5.25 -23.07 10.40
CA GLU A 283 -5.60 -23.51 9.05
C GLU A 283 -6.16 -22.37 8.22
N VAL A 284 -6.92 -21.46 8.85
CA VAL A 284 -7.42 -20.29 8.14
C VAL A 284 -6.26 -19.40 7.70
N GLN A 285 -5.30 -19.17 8.60
CA GLN A 285 -4.11 -18.41 8.26
C GLN A 285 -3.33 -19.07 7.12
N GLU A 286 -3.33 -20.40 7.08
CA GLU A 286 -2.69 -21.11 5.98
C GLU A 286 -3.42 -20.86 4.67
N SER A 287 -4.75 -21.02 4.66
CA SER A 287 -5.52 -20.80 3.44
C SER A 287 -5.46 -19.35 2.98
N LEU A 288 -5.21 -18.42 3.90
CA LEU A 288 -5.18 -17.01 3.53
C LEU A 288 -4.05 -16.70 2.55
N LYS A 289 -2.98 -17.48 2.57
CA LYS A 289 -1.89 -17.26 1.63
C LYS A 289 -2.35 -17.49 0.19
N LYS A 290 -3.15 -18.53 -0.03
CA LYS A 290 -3.72 -18.74 -1.36
C LYS A 290 -4.82 -17.74 -1.65
N ILE A 291 -5.63 -17.40 -0.64
CA ILE A 291 -6.73 -16.45 -0.84
C ILE A 291 -6.17 -15.09 -1.22
N GLU A 292 -5.20 -14.58 -0.47
CA GLU A 292 -4.63 -13.28 -0.76
C GLU A 292 -3.82 -13.30 -2.06
N GLU A 293 -3.26 -14.46 -2.42
CA GLU A 293 -2.59 -14.58 -3.72
C GLU A 293 -3.59 -14.46 -4.86
N LEU A 294 -4.75 -15.10 -4.73
CA LEU A 294 -5.76 -15.02 -5.79
C LEU A 294 -6.36 -13.63 -5.88
N LYS A 295 -6.55 -12.96 -4.73
CA LYS A 295 -7.09 -11.61 -4.75
C LYS A 295 -6.10 -10.62 -5.36
N ALA A 296 -4.81 -10.83 -5.11
CA ALA A 296 -3.80 -9.97 -5.73
C ALA A 296 -3.84 -10.06 -7.24
N HIS A 297 -4.35 -11.18 -7.79
CA HIS A 297 -4.54 -11.35 -9.22
C HIS A 297 -5.98 -11.17 -9.64
N TRP A 298 -6.82 -10.60 -8.76
CA TRP A 298 -8.18 -10.19 -9.10
C TRP A 298 -9.05 -11.37 -9.52
N LYS A 299 -8.74 -12.57 -9.01
CA LYS A 299 -9.52 -13.77 -9.30
C LYS A 299 -10.64 -13.87 -8.26
N TRP A 300 -11.66 -13.04 -8.45
CA TRP A 300 -12.68 -12.83 -7.42
C TRP A 300 -13.52 -14.08 -7.20
N GLU A 301 -13.84 -14.82 -8.27
CA GLU A 301 -14.66 -16.02 -8.12
C GLU A 301 -13.96 -17.07 -7.27
N GLN A 302 -12.65 -17.24 -7.48
CA GLN A 302 -11.91 -18.22 -6.69
C GLN A 302 -11.71 -17.74 -5.25
N VAL A 303 -11.58 -16.43 -5.05
CA VAL A 303 -11.47 -15.89 -3.69
C VAL A 303 -12.74 -16.16 -2.91
N LEU A 304 -13.89 -15.87 -3.52
CA LEU A 304 -15.17 -16.05 -2.83
C LEU A 304 -15.42 -17.52 -2.50
N ALA A 305 -15.01 -18.42 -3.39
CA ALA A 305 -15.22 -19.84 -3.14
C ALA A 305 -14.42 -20.31 -1.92
N MET A 306 -13.16 -19.90 -1.83
CA MET A 306 -12.34 -20.28 -0.68
C MET A 306 -12.82 -19.63 0.61
N CYS A 307 -13.34 -18.39 0.52
CA CYS A 307 -13.79 -17.70 1.72
C CYS A 307 -15.10 -18.28 2.24
N GLN A 308 -16.01 -18.67 1.34
CA GLN A 308 -17.27 -19.27 1.77
C GLN A 308 -17.04 -20.59 2.50
N ALA A 309 -16.04 -21.36 2.05
CA ALA A 309 -15.71 -22.62 2.71
C ALA A 309 -15.24 -22.40 4.14
N ILE A 310 -14.74 -21.22 4.47
CA ILE A 310 -14.34 -20.90 5.84
C ILE A 310 -15.47 -20.22 6.60
N ILE A 311 -16.10 -19.22 5.99
CA ILE A 311 -17.11 -18.43 6.68
C ILE A 311 -18.32 -19.30 7.03
N SER A 312 -18.75 -20.15 6.09
CA SER A 312 -19.91 -21.01 6.27
C SER A 312 -19.50 -22.48 6.36
N SER A 313 -18.37 -22.75 7.00
CA SER A 313 -17.86 -24.10 7.09
C SER A 313 -18.81 -24.99 7.89
N ASN A 314 -18.78 -26.29 7.58
CA ASN A 314 -19.46 -27.25 8.43
C ASN A 314 -18.68 -27.50 9.71
N SER A 315 -17.35 -27.41 9.64
CA SER A 315 -16.51 -27.61 10.81
C SER A 315 -16.49 -26.35 11.67
N GLU A 316 -15.67 -26.39 12.72
CA GLU A 316 -15.65 -25.32 13.72
C GLU A 316 -15.32 -23.98 13.09
N ARG A 317 -15.94 -22.92 13.60
CA ARG A 317 -15.80 -21.57 13.07
C ARG A 317 -15.08 -20.68 14.08
N LEU A 318 -14.73 -19.48 13.62
CA LEU A 318 -13.99 -18.52 14.41
C LEU A 318 -14.80 -17.25 14.64
N PRO A 319 -14.57 -16.56 15.74
CA PRO A 319 -15.20 -15.25 15.93
C PRO A 319 -14.66 -14.23 14.94
N ASP A 320 -15.51 -13.29 14.56
CA ASP A 320 -15.12 -12.27 13.60
C ASP A 320 -14.02 -11.35 14.12
N ILE A 321 -13.73 -11.39 15.42
CA ILE A 321 -12.65 -10.57 15.98
C ILE A 321 -11.29 -11.23 15.77
N ASN A 322 -11.25 -12.52 15.45
CA ASN A 322 -10.00 -13.15 15.06
C ASN A 322 -9.52 -12.55 13.74
N ILE A 323 -8.24 -12.15 13.70
CA ILE A 323 -7.76 -11.35 12.57
C ILE A 323 -7.79 -12.15 11.27
N TYR A 324 -7.48 -13.44 11.34
CA TYR A 324 -7.49 -14.26 10.13
C TYR A 324 -8.92 -14.51 9.65
N GLN A 325 -9.84 -14.74 10.58
CA GLN A 325 -11.26 -14.76 10.22
C GLN A 325 -11.69 -13.42 9.66
N LEU A 326 -11.21 -12.32 10.26
CA LEU A 326 -11.54 -10.99 9.78
C LEU A 326 -11.02 -10.76 8.36
N LYS A 327 -9.81 -11.24 8.08
CA LYS A 327 -9.24 -11.08 6.74
C LYS A 327 -10.06 -11.84 5.70
N VAL A 328 -10.55 -13.03 6.06
CA VAL A 328 -11.38 -13.79 5.14
C VAL A 328 -12.69 -13.06 4.88
N LEU A 329 -13.28 -12.46 5.91
CA LEU A 329 -14.49 -11.67 5.73
C LEU A 329 -14.25 -10.50 4.79
N ASP A 330 -13.12 -9.81 4.95
CA ASP A 330 -12.80 -8.67 4.09
C ASP A 330 -12.61 -9.12 2.66
N CYS A 331 -11.88 -10.21 2.44
CA CYS A 331 -11.69 -10.73 1.09
C CYS A 331 -13.01 -11.16 0.48
N ALA A 332 -13.88 -11.79 1.26
CA ALA A 332 -15.17 -12.22 0.74
C ALA A 332 -16.05 -11.03 0.41
N MET A 333 -15.98 -9.96 1.21
CA MET A 333 -16.75 -8.76 0.92
C MET A 333 -16.30 -8.12 -0.40
N ASP A 334 -15.00 -7.95 -0.57
CA ASP A 334 -14.49 -7.34 -1.80
C ASP A 334 -14.77 -8.21 -3.02
N ALA A 335 -14.76 -9.54 -2.86
CA ALA A 335 -15.08 -10.43 -3.96
C ALA A 335 -16.53 -10.25 -4.39
N CYS A 336 -17.46 -10.25 -3.42
CA CYS A 336 -18.87 -10.11 -3.75
C CYS A 336 -19.16 -8.77 -4.39
N ILE A 337 -18.47 -7.72 -3.95
CA ILE A 337 -18.67 -6.40 -4.55
C ILE A 337 -18.28 -6.42 -6.04
N ASN A 338 -17.11 -6.99 -6.33
CA ASN A 338 -16.65 -7.06 -7.71
C ASN A 338 -17.43 -8.06 -8.54
N LEU A 339 -18.10 -9.02 -7.90
CA LEU A 339 -18.94 -9.98 -8.60
C LEU A 339 -20.41 -9.56 -8.64
N GLY A 340 -20.75 -8.41 -8.06
CA GLY A 340 -22.11 -7.93 -8.06
C GLY A 340 -23.04 -8.62 -7.07
N LEU A 341 -22.50 -9.39 -6.13
CA LEU A 341 -23.32 -10.04 -5.11
C LEU A 341 -23.41 -9.10 -3.91
N LEU A 342 -24.30 -8.11 -4.04
CA LEU A 342 -24.30 -6.99 -3.11
C LEU A 342 -24.96 -7.32 -1.78
N GLU A 343 -25.95 -8.22 -1.77
CA GLU A 343 -26.54 -8.66 -0.51
C GLU A 343 -25.55 -9.45 0.31
N GLU A 344 -24.85 -10.39 -0.32
CA GLU A 344 -23.83 -11.16 0.38
C GLU A 344 -22.64 -10.28 0.78
N ALA A 345 -22.32 -9.27 -0.03
CA ALA A 345 -21.22 -8.37 0.30
C ALA A 345 -21.54 -7.57 1.57
N LEU A 346 -22.77 -7.07 1.68
CA LEU A 346 -23.15 -6.31 2.87
C LEU A 346 -23.10 -7.17 4.11
N PHE A 347 -23.46 -8.46 3.98
CA PHE A 347 -23.44 -9.35 5.14
C PHE A 347 -22.03 -9.50 5.69
N TYR A 348 -21.04 -9.73 4.82
CA TYR A 348 -19.67 -9.82 5.26
C TYR A 348 -19.14 -8.46 5.70
N GLY A 349 -19.46 -7.40 4.96
CA GLY A 349 -18.95 -6.09 5.29
C GLY A 349 -19.42 -5.58 6.63
N THR A 350 -20.71 -5.77 6.93
CA THR A 350 -21.23 -5.30 8.22
C THR A 350 -20.62 -6.07 9.38
N ARG A 351 -20.24 -7.34 9.15
CA ARG A 351 -19.62 -8.13 10.21
C ARG A 351 -18.22 -7.61 10.55
N THR A 352 -17.51 -7.07 9.55
CA THR A 352 -16.18 -6.51 9.79
C THR A 352 -16.22 -5.17 10.51
N MET A 353 -17.40 -4.56 10.67
CA MET A 353 -17.48 -3.17 11.12
C MET A 353 -16.98 -3.01 12.55
N GLU A 354 -17.47 -3.85 13.47
CA GLU A 354 -17.05 -3.71 14.86
C GLU A 354 -15.60 -4.11 15.08
N PRO A 355 -15.10 -5.24 14.54
CA PRO A 355 -13.66 -5.53 14.67
C PRO A 355 -12.79 -4.46 14.04
N TYR A 356 -13.25 -3.81 12.96
CA TYR A 356 -12.46 -2.74 12.35
C TYR A 356 -12.39 -1.52 13.26
N ARG A 357 -13.47 -1.21 13.97
CA ARG A 357 -13.43 -0.10 14.92
C ARG A 357 -12.44 -0.36 16.04
N ILE A 358 -12.25 -1.63 16.41
CA ILE A 358 -11.31 -1.96 17.49
C ILE A 358 -9.87 -1.92 16.98
N PHE A 359 -9.62 -2.51 15.82
CA PHE A 359 -8.26 -2.71 15.33
C PHE A 359 -7.71 -1.55 14.53
N PHE A 360 -8.55 -0.58 14.16
CA PHE A 360 -8.11 0.63 13.45
C PHE A 360 -8.51 1.85 14.27
N PRO A 361 -7.86 2.05 15.42
CA PRO A 361 -8.28 3.13 16.31
C PRO A 361 -8.00 4.50 15.73
N GLY A 362 -8.73 5.49 16.21
CA GLY A 362 -8.55 6.84 15.72
C GLY A 362 -9.00 6.97 14.27
N SER A 363 -8.18 7.64 13.47
CA SER A 363 -8.46 7.88 12.06
C SER A 363 -7.49 7.07 11.22
N HIS A 364 -8.00 6.06 10.52
CA HIS A 364 -7.19 5.20 9.67
C HIS A 364 -7.87 5.10 8.31
N PRO A 365 -7.15 5.30 7.21
CA PRO A 365 -7.79 5.28 5.89
C PRO A 365 -8.40 3.93 5.53
N VAL A 366 -7.85 2.83 6.03
CA VAL A 366 -8.39 1.52 5.68
C VAL A 366 -9.78 1.34 6.26
N ARG A 367 -10.00 1.79 7.50
CA ARG A 367 -11.33 1.70 8.08
C ARG A 367 -12.29 2.68 7.42
N GLY A 368 -11.80 3.89 7.09
CA GLY A 368 -12.65 4.85 6.40
C GLY A 368 -13.17 4.34 5.08
N VAL A 369 -12.32 3.66 4.31
CA VAL A 369 -12.76 3.07 3.05
C VAL A 369 -13.71 1.91 3.30
N GLN A 370 -13.43 1.11 4.34
CA GLN A 370 -14.29 -0.03 4.65
C GLN A 370 -15.69 0.44 5.05
N VAL A 371 -15.77 1.46 5.91
CA VAL A 371 -17.07 2.00 6.31
C VAL A 371 -17.79 2.60 5.11
N MET A 372 -17.05 3.19 4.18
CA MET A 372 -17.66 3.75 2.98
C MET A 372 -18.25 2.67 2.09
N LYS A 373 -17.54 1.54 1.95
CA LYS A 373 -18.07 0.43 1.15
C LYS A 373 -19.35 -0.13 1.76
N VAL A 374 -19.40 -0.27 3.08
CA VAL A 374 -20.60 -0.76 3.73
C VAL A 374 -21.75 0.21 3.55
N GLY A 375 -21.49 1.50 3.78
CA GLY A 375 -22.53 2.50 3.57
C GLY A 375 -23.01 2.56 2.13
N LYS A 376 -22.08 2.41 1.18
CA LYS A 376 -22.47 2.40 -0.23
C LYS A 376 -23.34 1.20 -0.55
N LEU A 377 -23.01 0.04 0.04
CA LEU A 377 -23.87 -1.14 -0.14
C LEU A 377 -25.24 -0.91 0.47
N GLN A 378 -25.29 -0.36 1.67
CA GLN A 378 -26.56 -0.10 2.33
C GLN A 378 -27.39 0.92 1.57
N LEU A 379 -26.75 1.90 0.93
CA LEU A 379 -27.46 2.89 0.14
C LEU A 379 -28.14 2.24 -1.07
N HIS A 380 -27.47 1.27 -1.70
CA HIS A 380 -28.03 0.61 -2.87
C HIS A 380 -29.21 -0.29 -2.51
N GLN A 381 -29.29 -0.73 -1.25
CA GLN A 381 -30.39 -1.58 -0.81
C GLN A 381 -31.64 -0.79 -0.42
N GLY A 382 -31.52 0.51 -0.23
CA GLY A 382 -32.62 1.30 0.29
C GLY A 382 -32.62 1.47 1.80
N MET A 383 -31.54 1.06 2.47
CA MET A 383 -31.42 1.24 3.92
C MET A 383 -30.82 2.62 4.18
N PHE A 384 -31.67 3.64 4.02
CA PHE A 384 -31.16 5.01 3.99
C PHE A 384 -30.64 5.48 5.35
N PRO A 385 -31.39 5.37 6.46
CA PRO A 385 -30.84 5.87 7.74
C PRO A 385 -29.57 5.14 8.16
N GLN A 386 -29.49 3.83 7.94
CA GLN A 386 -28.27 3.10 8.27
C GLN A 386 -27.13 3.50 7.33
N ALA A 387 -27.43 3.77 6.07
CA ALA A 387 -26.38 4.16 5.13
C ALA A 387 -25.80 5.52 5.49
N MET A 388 -26.66 6.50 5.80
CA MET A 388 -26.19 7.82 6.21
C MET A 388 -25.28 7.75 7.42
N LYS A 389 -25.65 6.94 8.42
CA LYS A 389 -24.83 6.82 9.62
C LYS A 389 -23.41 6.40 9.27
N ASN A 390 -23.28 5.42 8.37
CA ASN A 390 -21.96 4.96 7.97
C ASN A 390 -21.28 5.95 7.04
N LEU A 391 -22.02 6.51 6.07
CA LEU A 391 -21.42 7.47 5.15
C LEU A 391 -20.91 8.69 5.90
N ARG A 392 -21.62 9.12 6.95
CA ARG A 392 -21.13 10.23 7.76
C ARG A 392 -19.93 9.80 8.61
N LEU A 393 -19.96 8.56 9.13
CA LEU A 393 -18.81 8.05 9.85
C LEU A 393 -17.61 7.90 8.93
N ALA A 394 -17.83 7.42 7.70
CA ALA A 394 -16.74 7.36 6.73
C ALA A 394 -16.19 8.75 6.45
N PHE A 395 -17.06 9.75 6.37
CA PHE A 395 -16.58 11.12 6.13
C PHE A 395 -15.82 11.65 7.34
N ASP A 396 -16.27 11.33 8.55
CA ASP A 396 -15.55 11.74 9.75
C ASP A 396 -14.12 11.22 9.74
N ILE A 397 -13.93 9.99 9.24
CA ILE A 397 -12.60 9.40 9.18
C ILE A 397 -11.82 9.93 7.99
N MET A 398 -12.46 9.96 6.81
CA MET A 398 -11.74 10.26 5.58
C MET A 398 -11.49 11.74 5.37
N ARG A 399 -12.24 12.62 6.04
CA ARG A 399 -11.85 14.02 6.01
C ARG A 399 -10.52 14.24 6.71
N VAL A 400 -10.12 13.33 7.60
CA VAL A 400 -8.82 13.39 8.25
C VAL A 400 -7.77 12.62 7.46
N THR A 401 -8.12 11.41 7.00
CA THR A 401 -7.15 10.53 6.38
C THR A 401 -6.96 10.78 4.89
N HIS A 402 -8.01 11.19 4.17
CA HIS A 402 -7.93 11.45 2.74
C HIS A 402 -7.90 12.94 2.42
N GLY A 403 -8.82 13.72 2.98
CA GLY A 403 -8.81 15.15 2.80
C GLY A 403 -9.39 15.59 1.46
N ARG A 404 -9.48 16.91 1.31
CA ARG A 404 -10.07 17.49 0.11
C ARG A 404 -9.26 17.15 -1.14
N GLU A 405 -7.95 16.92 -1.00
CA GLU A 405 -7.09 16.70 -2.14
C GLU A 405 -7.20 15.30 -2.71
N HIS A 406 -7.95 14.41 -2.07
CA HIS A 406 -8.16 13.05 -2.55
C HIS A 406 -9.53 12.97 -3.24
N SER A 407 -9.55 12.41 -4.45
CA SER A 407 -10.78 12.38 -5.24
C SER A 407 -11.84 11.48 -4.63
N LEU A 408 -11.46 10.49 -3.83
CA LEU A 408 -12.47 9.62 -3.20
C LEU A 408 -13.36 10.40 -2.25
N ILE A 409 -12.84 11.49 -1.67
CA ILE A 409 -13.66 12.34 -0.81
C ILE A 409 -14.79 12.97 -1.61
N GLU A 410 -14.53 13.33 -2.87
CA GLU A 410 -15.58 13.86 -3.73
C GLU A 410 -16.64 12.79 -4.01
N ASP A 411 -16.22 11.54 -4.22
CA ASP A 411 -17.19 10.47 -4.40
C ASP A 411 -18.05 10.30 -3.17
N LEU A 412 -17.45 10.40 -1.98
CA LEU A 412 -18.20 10.25 -0.74
C LEU A 412 -19.20 11.38 -0.55
N ILE A 413 -18.85 12.60 -0.97
CA ILE A 413 -19.78 13.72 -0.86
C ILE A 413 -21.01 13.49 -1.71
N LEU A 414 -20.83 12.91 -2.91
CA LEU A 414 -21.97 12.59 -3.76
C LEU A 414 -22.86 11.53 -3.13
N LEU A 415 -22.25 10.54 -2.47
CA LEU A 415 -23.04 9.55 -1.75
C LEU A 415 -23.78 10.18 -0.58
N LEU A 416 -23.14 11.14 0.10
CA LEU A 416 -23.76 11.78 1.24
C LEU A 416 -24.98 12.60 0.83
N GLU A 417 -24.87 13.35 -0.27
CA GLU A 417 -25.99 14.20 -0.69
C GLU A 417 -27.13 13.37 -1.27
N GLU A 418 -26.81 12.32 -2.05
CA GLU A 418 -27.84 11.47 -2.62
C GLU A 418 -28.68 10.81 -1.54
N CYS A 419 -28.05 10.31 -0.48
CA CYS A 419 -28.77 9.65 0.59
C CYS A 419 -29.39 10.65 1.56
N ASP A 420 -28.83 11.86 1.64
CA ASP A 420 -29.46 12.90 2.45
C ASP A 420 -30.72 13.43 1.77
N ALA A 421 -30.67 13.57 0.45
CA ALA A 421 -31.89 13.91 -0.28
C ALA A 421 -32.91 12.79 -0.18
N ASN A 422 -32.44 11.54 -0.13
CA ASN A 422 -33.34 10.41 0.06
C ASN A 422 -34.05 10.49 1.40
N ILE A 423 -33.33 10.88 2.45
CA ILE A 423 -33.93 11.05 3.76
C ILE A 423 -34.62 12.41 3.85
#